data_8T3H
#
_entry.id   8T3H
#
_entity_poly.entity_id   1
_entity_poly.type   'polypeptide(L)'
_entity_poly.pdbx_seq_one_letter_code
;IINVLTSIVTPIKNQLDKYQ(NH2)
;
_entity_poly.pdbx_strand_id   A
#
# COMPACT_ATOMS: atom_id res chain seq x y z
N ILE A 1 -0.67 -15.01 -0.91
CA ILE A 1 -0.12 -14.21 0.22
C ILE A 1 0.65 -12.99 -0.29
N ILE A 2 1.41 -13.15 -1.37
CA ILE A 2 2.32 -12.10 -1.82
C ILE A 2 1.55 -10.97 -2.47
N ASN A 3 0.61 -11.32 -3.32
CA ASN A 3 -0.27 -10.34 -3.93
C ASN A 3 -1.18 -9.74 -2.88
N VAL A 4 -1.39 -10.48 -1.80
CA VAL A 4 -2.25 -9.99 -0.71
C VAL A 4 -1.46 -9.05 0.17
N LEU A 5 -0.20 -9.36 0.40
CA LEU A 5 0.68 -8.49 1.15
C LEU A 5 0.87 -7.20 0.37
N THR A 6 0.83 -7.32 -0.95
CA THR A 6 0.99 -6.17 -1.81
C THR A 6 -0.33 -5.42 -1.86
N SER A 7 -1.39 -6.16 -1.57
CA SER A 7 -2.72 -5.59 -1.54
C SER A 7 -2.87 -4.75 -0.27
N ILE A 8 -2.14 -5.16 0.77
CA ILE A 8 -2.10 -4.41 2.01
C ILE A 8 -1.21 -3.17 1.86
N VAL A 9 -0.09 -3.35 1.15
CA VAL A 9 0.85 -2.24 0.92
C VAL A 9 0.23 -1.16 0.02
N THR A 10 -0.58 -1.59 -0.95
CA THR A 10 -1.19 -0.68 -1.92
C THR A 10 -1.78 0.59 -1.25
N PRO A 11 -2.76 0.46 -0.34
CA PRO A 11 -3.37 1.62 0.32
C PRO A 11 -2.36 2.39 1.15
N ILE A 12 -1.53 1.69 1.91
CA ILE A 12 -0.58 2.32 2.81
C ILE A 12 0.44 3.15 2.05
N LYS A 13 0.96 2.62 0.96
CA LYS A 13 1.95 3.31 0.16
C LYS A 13 1.34 4.54 -0.50
N ASN A 14 0.12 4.39 -1.00
CA ASN A 14 -0.59 5.50 -1.63
C ASN A 14 -1.01 6.52 -0.60
N GLN A 15 -1.35 6.06 0.61
CA GLN A 15 -1.62 6.95 1.73
C GLN A 15 -0.41 7.82 2.02
N LEU A 16 0.76 7.22 1.94
CA LEU A 16 2.00 7.94 2.16
C LEU A 16 2.26 8.90 1.02
N ASP A 17 2.04 8.41 -0.18
CA ASP A 17 2.14 9.23 -1.39
C ASP A 17 1.26 10.47 -1.26
N LYS A 18 0.05 10.28 -0.76
CA LYS A 18 -0.89 11.37 -0.59
C LYS A 18 -0.48 12.28 0.55
N TYR A 19 0.21 11.71 1.51
CA TYR A 19 0.64 12.43 2.69
C TYR A 19 1.86 13.30 2.37
N GLN A 20 2.68 12.81 1.46
CA GLN A 20 3.88 13.52 1.05
C GLN A 20 3.56 14.53 -0.04
N ILE A 1 -0.26 -14.64 -0.48
CA ILE A 1 0.57 -13.96 0.53
C ILE A 1 1.23 -12.70 -0.06
N ILE A 2 1.87 -12.83 -1.20
CA ILE A 2 2.69 -11.75 -1.73
C ILE A 2 1.84 -10.68 -2.40
N ASN A 3 0.92 -11.11 -3.26
CA ASN A 3 -0.01 -10.19 -3.90
C ASN A 3 -0.98 -9.65 -2.87
N VAL A 4 -1.20 -10.43 -1.81
CA VAL A 4 -2.09 -10.01 -0.74
C VAL A 4 -1.39 -8.98 0.14
N LEU A 5 -0.11 -9.20 0.40
CA LEU A 5 0.69 -8.24 1.14
C LEU A 5 0.81 -6.96 0.34
N THR A 6 0.80 -7.10 -0.97
CA THR A 6 0.90 -5.96 -1.85
C THR A 6 -0.45 -5.29 -1.92
N SER A 7 -1.47 -6.09 -1.62
CA SER A 7 -2.83 -5.58 -1.56
C SER A 7 -3.00 -4.78 -0.27
N ILE A 8 -2.27 -5.22 0.76
CA ILE A 8 -2.23 -4.51 2.03
C ILE A 8 -1.46 -3.20 1.85
N VAL A 9 -0.37 -3.28 1.10
CA VAL A 9 0.47 -2.11 0.84
C VAL A 9 -0.23 -1.10 -0.07
N THR A 10 -1.11 -1.57 -0.96
CA THR A 10 -1.80 -0.70 -1.91
C THR A 10 -2.34 0.58 -1.24
N PRO A 11 -3.27 0.49 -0.27
CA PRO A 11 -3.80 1.69 0.40
C PRO A 11 -2.71 2.48 1.12
N ILE A 12 -1.88 1.78 1.88
CA ILE A 12 -0.85 2.42 2.69
C ILE A 12 0.14 3.19 1.81
N LYS A 13 0.54 2.59 0.70
CA LYS A 13 1.50 3.21 -0.20
C LYS A 13 0.94 4.50 -0.80
N ASN A 14 -0.33 4.45 -1.22
CA ASN A 14 -0.98 5.62 -1.78
C ASN A 14 -1.26 6.65 -0.68
N GLN A 15 -1.66 6.17 0.50
CA GLN A 15 -1.84 7.04 1.65
C GLN A 15 -0.53 7.72 2.03
N LEU A 16 0.57 7.01 1.83
CA LEU A 16 1.90 7.54 2.12
C LEU A 16 2.31 8.51 1.02
N ASP A 17 2.03 8.11 -0.21
CA ASP A 17 2.28 8.94 -1.37
C ASP A 17 1.57 10.27 -1.25
N LYS A 18 0.35 10.24 -0.71
CA LYS A 18 -0.44 11.46 -0.52
C LYS A 18 0.02 12.19 0.74
N TYR A 19 0.64 11.45 1.65
CA TYR A 19 1.19 12.03 2.87
C TYR A 19 2.42 12.84 2.55
N GLN A 20 3.25 12.31 1.65
CA GLN A 20 4.43 13.02 1.18
C GLN A 20 4.03 14.11 0.20
N ILE A 1 0.71 -15.85 -0.02
CA ILE A 1 0.75 -14.47 0.53
C ILE A 1 1.58 -13.56 -0.39
N ILE A 2 1.02 -13.28 -1.56
CA ILE A 2 1.68 -12.41 -2.53
C ILE A 2 0.76 -11.28 -2.96
N ASN A 3 -0.45 -11.61 -3.36
CA ASN A 3 -1.42 -10.60 -3.79
C ASN A 3 -1.90 -9.81 -2.59
N VAL A 4 -2.20 -10.50 -1.50
CA VAL A 4 -2.66 -9.87 -0.27
C VAL A 4 -1.53 -9.06 0.34
N LEU A 5 -0.31 -9.52 0.18
CA LEU A 5 0.86 -8.82 0.66
C LEU A 5 0.98 -7.49 -0.07
N THR A 6 0.56 -7.49 -1.32
CA THR A 6 0.62 -6.30 -2.15
C THR A 6 -0.62 -5.46 -1.88
N SER A 7 -1.63 -6.12 -1.36
CA SER A 7 -2.91 -5.47 -1.08
C SER A 7 -2.80 -4.69 0.24
N ILE A 8 -1.86 -5.10 1.07
CA ILE A 8 -1.57 -4.40 2.32
C ILE A 8 -0.69 -3.18 2.08
N VAL A 9 0.30 -3.33 1.20
CA VAL A 9 1.27 -2.27 0.96
C VAL A 9 0.71 -1.16 0.08
N THR A 10 0.07 -1.53 -1.03
CA THR A 10 -0.38 -0.56 -2.03
C THR A 10 -1.16 0.61 -1.42
N PRO A 11 -2.20 0.37 -0.58
CA PRO A 11 -2.96 1.46 0.05
C PRO A 11 -2.07 2.37 0.88
N ILE A 12 -1.42 1.81 1.90
CA ILE A 12 -0.62 2.60 2.82
C ILE A 12 0.50 3.35 2.09
N LYS A 13 1.11 2.68 1.12
CA LYS A 13 2.16 3.29 0.32
C LYS A 13 1.67 4.56 -0.35
N ASN A 14 0.55 4.46 -1.05
CA ASN A 14 0.01 5.59 -1.80
C ASN A 14 -0.67 6.59 -0.87
N GLN A 15 -1.29 6.10 0.21
CA GLN A 15 -1.87 6.99 1.20
C GLN A 15 -0.83 7.91 1.79
N LEU A 16 0.35 7.37 2.04
CA LEU A 16 1.47 8.14 2.58
C LEU A 16 2.03 9.07 1.52
N ASP A 17 2.18 8.53 0.33
CA ASP A 17 2.67 9.29 -0.81
C ASP A 17 1.78 10.50 -1.07
N LYS A 18 0.48 10.31 -0.90
CA LYS A 18 -0.49 11.39 -1.12
C LYS A 18 -0.58 12.27 0.12
N TYR A 19 -0.17 11.72 1.25
CA TYR A 19 -0.11 12.48 2.48
C TYR A 19 1.03 13.50 2.39
N GLN A 20 2.12 13.07 1.78
CA GLN A 20 3.25 13.94 1.53
C GLN A 20 2.92 14.90 0.39
N ILE A 1 2.45 -14.95 1.50
CA ILE A 1 1.87 -13.59 1.48
C ILE A 1 2.45 -12.78 0.32
N ILE A 2 1.76 -12.79 -0.82
CA ILE A 2 2.19 -12.01 -1.98
C ILE A 2 1.06 -11.12 -2.48
N ASN A 3 -0.11 -11.70 -2.72
CA ASN A 3 -1.25 -10.95 -3.20
C ASN A 3 -1.77 -10.03 -2.10
N VAL A 4 -1.83 -10.56 -0.89
CA VAL A 4 -2.28 -9.78 0.25
C VAL A 4 -1.19 -8.83 0.69
N LEU A 5 0.05 -9.21 0.43
CA LEU A 5 1.18 -8.31 0.68
C LEU A 5 1.03 -7.06 -0.16
N THR A 6 0.56 -7.26 -1.38
CA THR A 6 0.40 -6.16 -2.32
C THR A 6 -0.91 -5.47 -2.02
N SER A 7 -1.77 -6.16 -1.30
CA SER A 7 -3.06 -5.62 -0.90
C SER A 7 -2.86 -4.68 0.29
N ILE A 8 -1.77 -4.88 1.01
CA ILE A 8 -1.40 -3.99 2.11
C ILE A 8 -0.50 -2.86 1.61
N VAL A 9 0.56 -3.22 0.89
CA VAL A 9 1.56 -2.25 0.45
C VAL A 9 0.97 -1.17 -0.45
N THR A 10 0.27 -1.56 -1.50
CA THR A 10 -0.24 -0.60 -2.48
C THR A 10 -1.03 0.55 -1.84
N PRO A 11 -2.11 0.28 -1.08
CA PRO A 11 -2.89 1.34 -0.44
C PRO A 11 -2.06 2.19 0.52
N ILE A 12 -1.32 1.54 1.41
CA ILE A 12 -0.54 2.25 2.42
C ILE A 12 0.50 3.18 1.77
N LYS A 13 1.14 2.70 0.70
CA LYS A 13 2.11 3.50 -0.02
C LYS A 13 1.46 4.71 -0.66
N ASN A 14 0.32 4.50 -1.30
CA ASN A 14 -0.38 5.59 -1.96
C ASN A 14 -1.03 6.53 -0.95
N GLN A 15 -1.44 5.97 0.19
CA GLN A 15 -1.92 6.79 1.30
C GLN A 15 -0.79 7.67 1.81
N LEU A 16 0.40 7.09 1.92
CA LEU A 16 1.57 7.82 2.38
C LEU A 16 1.99 8.84 1.35
N ASP A 17 1.98 8.42 0.11
CA ASP A 17 2.30 9.29 -1.01
C ASP A 17 1.41 10.53 -1.03
N LYS A 18 0.15 10.34 -0.67
CA LYS A 18 -0.79 11.46 -0.58
C LYS A 18 -0.58 12.21 0.74
N TYR A 19 -0.10 11.50 1.74
CA TYR A 19 0.16 12.07 3.06
C TYR A 19 1.33 13.04 2.98
N GLN A 20 2.26 12.74 2.07
CA GLN A 20 3.43 13.57 1.86
C GLN A 20 3.04 14.88 1.19
N ILE A 1 -0.10 -15.21 -0.03
CA ILE A 1 0.23 -14.00 0.78
C ILE A 1 0.87 -12.92 -0.08
N ILE A 2 1.25 -13.25 -1.31
CA ILE A 2 2.02 -12.34 -2.14
C ILE A 2 1.12 -11.25 -2.72
N ASN A 3 -0.02 -11.66 -3.27
CA ASN A 3 -0.99 -10.70 -3.77
C ASN A 3 -1.63 -9.97 -2.60
N VAL A 4 -1.64 -10.62 -1.44
CA VAL A 4 -2.22 -10.02 -0.23
C VAL A 4 -1.30 -8.98 0.35
N LEU A 5 0.00 -9.23 0.28
CA LEU A 5 0.99 -8.26 0.71
C LEU A 5 0.89 -7.03 -0.15
N THR A 6 0.55 -7.25 -1.41
CA THR A 6 0.43 -6.18 -2.37
C THR A 6 -0.91 -5.50 -2.19
N SER A 7 -1.82 -6.23 -1.57
CA SER A 7 -3.15 -5.71 -1.28
C SER A 7 -3.08 -4.79 -0.07
N ILE A 8 -2.13 -5.07 0.82
CA ILE A 8 -1.93 -4.26 2.01
C ILE A 8 -0.99 -3.08 1.72
N VAL A 9 0.14 -3.36 1.08
CA VAL A 9 1.17 -2.35 0.84
C VAL A 9 0.69 -1.21 -0.05
N THR A 10 0.02 -1.54 -1.16
CA THR A 10 -0.37 -0.54 -2.15
C THR A 10 -1.14 0.63 -1.53
N PRO A 11 -2.24 0.40 -0.78
CA PRO A 11 -3.01 1.49 -0.17
C PRO A 11 -2.17 2.31 0.79
N ILE A 12 -1.45 1.64 1.69
CA ILE A 12 -0.67 2.32 2.72
C ILE A 12 0.44 3.16 2.09
N LYS A 13 1.07 2.62 1.05
CA LYS A 13 2.12 3.33 0.33
C LYS A 13 1.56 4.58 -0.33
N ASN A 14 0.44 4.43 -1.01
CA ASN A 14 -0.18 5.54 -1.71
C ASN A 14 -0.78 6.53 -0.73
N GLN A 15 -1.28 6.04 0.41
CA GLN A 15 -1.72 6.89 1.50
C GLN A 15 -0.58 7.81 1.95
N LEU A 16 0.60 7.23 2.05
CA LEU A 16 1.78 7.99 2.45
C LEU A 16 2.16 8.97 1.37
N ASP A 17 2.11 8.50 0.13
CA ASP A 17 2.35 9.34 -1.03
C ASP A 17 1.40 10.54 -1.03
N LYS A 18 0.15 10.28 -0.68
CA LYS A 18 -0.86 11.32 -0.67
C LYS A 18 -0.72 12.21 0.56
N TYR A 19 -0.08 11.68 1.58
CA TYR A 19 0.25 12.45 2.77
C TYR A 19 1.39 13.40 2.46
N GLN A 20 2.38 12.86 1.76
CA GLN A 20 3.53 13.64 1.32
C GLN A 20 3.10 14.69 0.29
N ILE A 1 -0.54 -15.09 -0.74
CA ILE A 1 -0.39 -14.03 0.28
C ILE A 1 0.61 -12.96 -0.16
N ILE A 2 1.35 -13.22 -1.23
CA ILE A 2 2.34 -12.27 -1.71
C ILE A 2 1.64 -11.14 -2.45
N ASN A 3 0.65 -11.52 -3.23
CA ASN A 3 -0.24 -10.59 -3.88
C ASN A 3 -1.02 -9.81 -2.83
N VAL A 4 -1.33 -10.49 -1.73
CA VAL A 4 -2.10 -9.88 -0.65
C VAL A 4 -1.25 -8.92 0.15
N LEU A 5 0.02 -9.26 0.28
CA LEU A 5 0.97 -8.39 0.94
C LEU A 5 1.06 -7.07 0.21
N THR A 6 0.95 -7.14 -1.10
CA THR A 6 1.02 -5.96 -1.94
C THR A 6 -0.33 -5.29 -1.94
N SER A 7 -1.35 -6.07 -1.59
CA SER A 7 -2.71 -5.57 -1.54
C SER A 7 -2.90 -4.74 -0.28
N ILE A 8 -2.11 -5.05 0.74
CA ILE A 8 -2.10 -4.27 1.97
C ILE A 8 -1.19 -3.05 1.83
N VAL A 9 -0.05 -3.24 1.19
CA VAL A 9 0.93 -2.18 1.03
C VAL A 9 0.41 -1.05 0.14
N THR A 10 -0.25 -1.40 -0.97
CA THR A 10 -0.72 -0.40 -1.94
C THR A 10 -1.52 0.74 -1.28
N PRO A 11 -2.58 0.46 -0.50
CA PRO A 11 -3.36 1.51 0.17
C PRO A 11 -2.49 2.38 1.07
N ILE A 12 -1.66 1.75 1.87
CA ILE A 12 -0.80 2.47 2.81
C ILE A 12 0.25 3.29 2.06
N LYS A 13 0.77 2.72 0.99
CA LYS A 13 1.78 3.38 0.17
C LYS A 13 1.16 4.56 -0.57
N ASN A 14 -0.09 4.40 -0.96
CA ASN A 14 -0.84 5.49 -1.60
C ASN A 14 -1.21 6.53 -0.59
N GLN A 15 -1.62 6.10 0.60
CA GLN A 15 -1.86 7.02 1.70
C GLN A 15 -0.58 7.77 2.05
N LEU A 16 0.55 7.09 1.94
CA LEU A 16 1.85 7.70 2.12
C LEU A 16 2.11 8.72 1.02
N ASP A 17 1.84 8.29 -0.20
CA ASP A 17 1.94 9.16 -1.37
C ASP A 17 1.10 10.42 -1.19
N LYS A 18 -0.07 10.24 -0.59
CA LYS A 18 -0.97 11.36 -0.31
C LYS A 18 -0.43 12.23 0.81
N TYR A 19 0.33 11.61 1.71
CA TYR A 19 0.94 12.32 2.82
C TYR A 19 2.18 13.08 2.33
N GLN A 20 2.89 12.48 1.40
CA GLN A 20 4.08 13.08 0.80
C GLN A 20 3.68 14.22 -0.11
N ILE A 1 -0.93 -14.94 0.00
CA ILE A 1 -0.15 -13.90 0.71
C ILE A 1 0.39 -12.86 -0.28
N ILE A 2 0.49 -13.23 -1.54
CA ILE A 2 1.15 -12.37 -2.54
C ILE A 2 0.29 -11.17 -2.90
N ASN A 3 -0.96 -11.43 -3.27
CA ASN A 3 -1.88 -10.34 -3.58
C ASN A 3 -2.23 -9.61 -2.30
N VAL A 4 -2.09 -10.28 -1.17
CA VAL A 4 -2.38 -9.67 0.12
C VAL A 4 -1.27 -8.73 0.53
N LEU A 5 -0.04 -9.12 0.22
CA LEU A 5 1.10 -8.27 0.48
C LEU A 5 1.00 -7.01 -0.36
N THR A 6 0.40 -7.15 -1.54
CA THR A 6 0.20 -6.05 -2.44
C THR A 6 -1.00 -5.25 -1.98
N SER A 7 -1.86 -5.93 -1.23
CA SER A 7 -3.07 -5.34 -0.69
C SER A 7 -2.73 -4.55 0.57
N ILE A 8 -1.60 -4.88 1.18
CA ILE A 8 -1.11 -4.15 2.35
C ILE A 8 -0.19 -3.00 1.93
N VAL A 9 0.95 -3.36 1.33
CA VAL A 9 2.03 -2.41 1.09
C VAL A 9 1.63 -1.30 0.13
N THR A 10 1.12 -1.68 -1.04
CA THR A 10 0.83 -0.71 -2.09
C THR A 10 -0.18 0.37 -1.64
N PRO A 11 -1.35 0.02 -1.09
CA PRO A 11 -2.32 1.02 -0.62
C PRO A 11 -1.71 1.97 0.42
N ILE A 12 -1.02 1.41 1.41
CA ILE A 12 -0.44 2.23 2.48
C ILE A 12 0.63 3.16 1.93
N LYS A 13 1.43 2.64 1.00
CA LYS A 13 2.49 3.44 0.37
C LYS A 13 1.91 4.62 -0.39
N ASN A 14 0.87 4.36 -1.16
CA ASN A 14 0.22 5.39 -1.94
C ASN A 14 -0.57 6.34 -1.04
N GLN A 15 -1.20 5.79 -0.01
CA GLN A 15 -1.86 6.61 1.00
C GLN A 15 -0.87 7.57 1.64
N LEU A 16 0.35 7.10 1.84
CA LEU A 16 1.40 7.91 2.41
C LEU A 16 1.84 8.96 1.40
N ASP A 17 2.00 8.54 0.15
CA ASP A 17 2.35 9.44 -0.93
C ASP A 17 1.32 10.57 -1.04
N LYS A 18 0.06 10.20 -0.87
CA LYS A 18 -1.03 11.16 -0.97
C LYS A 18 -1.10 12.00 0.30
N TYR A 19 -0.59 11.44 1.39
CA TYR A 19 -0.53 12.13 2.67
C TYR A 19 0.52 13.22 2.62
N GLN A 20 1.69 12.87 2.13
CA GLN A 20 2.79 13.82 2.03
C GLN A 20 2.53 14.81 0.90
N ILE A 1 -0.77 -14.85 0.58
CA ILE A 1 0.15 -13.95 1.33
C ILE A 1 0.96 -13.06 0.39
N ILE A 2 1.12 -13.46 -0.87
CA ILE A 2 2.00 -12.73 -1.78
C ILE A 2 1.29 -11.54 -2.41
N ASN A 3 0.12 -11.78 -3.00
CA ASN A 3 -0.66 -10.70 -3.60
C ASN A 3 -1.37 -9.93 -2.53
N VAL A 4 -1.69 -10.59 -1.42
CA VAL A 4 -2.34 -9.93 -0.30
C VAL A 4 -1.39 -8.94 0.34
N LEU A 5 -0.10 -9.26 0.29
CA LEU A 5 0.92 -8.36 0.77
C LEU A 5 0.96 -7.12 -0.11
N THR A 6 0.68 -7.32 -1.38
CA THR A 6 0.68 -6.25 -2.35
C THR A 6 -0.60 -5.46 -2.18
N SER A 7 -1.61 -6.15 -1.65
CA SER A 7 -2.90 -5.55 -1.40
C SER A 7 -2.82 -4.71 -0.13
N ILE A 8 -1.84 -5.02 0.69
CA ILE A 8 -1.51 -4.22 1.86
C ILE A 8 -0.66 -3.01 1.46
N VAL A 9 0.31 -3.25 0.58
CA VAL A 9 1.22 -2.20 0.13
C VAL A 9 0.50 -1.08 -0.61
N THR A 10 -0.34 -1.46 -1.59
CA THR A 10 -0.98 -0.49 -2.47
C THR A 10 -1.64 0.68 -1.71
N PRO A 11 -2.58 0.43 -0.78
CA PRO A 11 -3.22 1.51 -0.02
C PRO A 11 -2.22 2.34 0.76
N ILE A 12 -1.37 1.68 1.54
CA ILE A 12 -0.40 2.37 2.39
C ILE A 12 0.55 3.23 1.57
N LYS A 13 1.03 2.69 0.47
CA LYS A 13 1.97 3.38 -0.40
C LYS A 13 1.36 4.68 -0.90
N ASN A 14 0.10 4.62 -1.33
CA ASN A 14 -0.59 5.77 -1.85
C ASN A 14 -1.07 6.70 -0.75
N GLN A 15 -1.52 6.13 0.36
CA GLN A 15 -1.91 6.93 1.53
C GLN A 15 -0.74 7.78 2.00
N LEU A 16 0.43 7.17 2.12
CA LEU A 16 1.61 7.86 2.57
C LEU A 16 2.15 8.79 1.49
N ASP A 17 1.87 8.46 0.23
CA ASP A 17 2.27 9.31 -0.88
C ASP A 17 1.43 10.59 -0.88
N LYS A 18 0.15 10.44 -0.52
CA LYS A 18 -0.75 11.57 -0.40
C LYS A 18 -0.47 12.35 0.88
N TYR A 19 0.07 11.63 1.87
CA TYR A 19 0.46 12.24 3.12
C TYR A 19 1.74 13.06 2.93
N GLN A 20 2.56 12.66 1.97
CA GLN A 20 3.77 13.39 1.63
C GLN A 20 3.41 14.64 0.84
N ILE A 1 -0.71 -14.88 -0.68
CA ILE A 1 0.11 -14.23 0.36
C ILE A 1 0.86 -13.03 -0.20
N ILE A 2 1.49 -13.19 -1.36
CA ILE A 2 2.37 -12.16 -1.90
C ILE A 2 1.57 -11.04 -2.54
N ASN A 3 0.59 -11.42 -3.35
CA ASN A 3 -0.30 -10.45 -3.97
C ASN A 3 -1.19 -9.82 -2.91
N VAL A 4 -1.40 -10.55 -1.82
CA VAL A 4 -2.23 -10.04 -0.73
C VAL A 4 -1.44 -9.10 0.16
N LEU A 5 -0.19 -9.42 0.39
CA LEU A 5 0.68 -8.56 1.17
C LEU A 5 0.88 -7.25 0.45
N THR A 6 0.87 -7.33 -0.86
CA THR A 6 1.06 -6.15 -1.70
C THR A 6 -0.26 -5.42 -1.80
N SER A 7 -1.33 -6.16 -1.56
CA SER A 7 -2.66 -5.59 -1.58
C SER A 7 -2.86 -4.76 -0.31
N ILE A 8 -2.20 -5.18 0.75
CA ILE A 8 -2.21 -4.45 2.01
C ILE A 8 -1.32 -3.21 1.92
N VAL A 9 -0.22 -3.34 1.17
CA VAL A 9 0.72 -2.24 1.01
C VAL A 9 0.17 -1.16 0.09
N THR A 10 -0.65 -1.56 -0.89
CA THR A 10 -1.22 -0.62 -1.86
C THR A 10 -1.84 0.63 -1.20
N PRO A 11 -2.80 0.48 -0.25
CA PRO A 11 -3.42 1.64 0.39
C PRO A 11 -2.40 2.48 1.17
N ILE A 12 -1.49 1.81 1.86
CA ILE A 12 -0.49 2.49 2.66
C ILE A 12 0.47 3.30 1.79
N LYS A 13 0.89 2.69 0.69
CA LYS A 13 1.78 3.34 -0.27
C LYS A 13 1.14 4.61 -0.81
N ASN A 14 -0.12 4.49 -1.21
CA ASN A 14 -0.86 5.62 -1.76
C ASN A 14 -1.20 6.63 -0.66
N GLN A 15 -1.51 6.15 0.54
CA GLN A 15 -1.73 7.03 1.68
C GLN A 15 -0.50 7.86 1.97
N LEU A 16 0.66 7.21 1.99
CA LEU A 16 1.91 7.88 2.28
C LEU A 16 2.29 8.78 1.11
N ASP A 17 1.94 8.34 -0.09
CA ASP A 17 2.17 9.14 -1.29
C ASP A 17 1.39 10.44 -1.22
N LYS A 18 0.16 10.35 -0.73
CA LYS A 18 -0.70 11.52 -0.59
C LYS A 18 -0.34 12.31 0.66
N TYR A 19 0.32 11.64 1.60
CA TYR A 19 0.80 12.29 2.80
C TYR A 19 1.95 13.22 2.43
N GLN A 20 2.88 12.71 1.63
CA GLN A 20 4.00 13.50 1.15
C GLN A 20 3.49 14.55 0.16
N ILE A 1 0.64 -14.93 -0.71
CA ILE A 1 0.58 -13.72 0.13
C ILE A 1 1.09 -12.48 -0.62
N ILE A 2 1.31 -12.62 -1.93
CA ILE A 2 1.89 -11.53 -2.72
C ILE A 2 0.82 -10.52 -3.08
N ASN A 3 -0.31 -11.01 -3.56
CA ASN A 3 -1.45 -10.16 -3.86
C ASN A 3 -1.97 -9.55 -2.57
N VAL A 4 -1.84 -10.29 -1.48
CA VAL A 4 -2.28 -9.80 -0.18
C VAL A 4 -1.33 -8.74 0.35
N LEU A 5 -0.04 -8.96 0.14
CA LEU A 5 0.98 -8.01 0.53
C LEU A 5 0.79 -6.72 -0.25
N THR A 6 0.31 -6.86 -1.46
CA THR A 6 0.10 -5.74 -2.34
C THR A 6 -1.25 -5.11 -2.04
N SER A 7 -2.07 -5.88 -1.34
CA SER A 7 -3.38 -5.40 -0.93
C SER A 7 -3.26 -4.65 0.39
N ILE A 8 -2.25 -4.99 1.18
CA ILE A 8 -1.99 -4.31 2.43
C ILE A 8 -1.01 -3.14 2.25
N VAL A 9 0.22 -3.46 1.84
CA VAL A 9 1.30 -2.49 1.81
C VAL A 9 1.06 -1.37 0.79
N THR A 10 0.71 -1.74 -0.44
CA THR A 10 0.53 -0.77 -1.51
C THR A 10 -0.43 0.35 -1.13
N PRO A 11 -1.70 0.06 -0.71
CA PRO A 11 -2.65 1.11 -0.31
C PRO A 11 -2.07 2.03 0.77
N ILE A 12 -1.42 1.46 1.77
CA ILE A 12 -0.84 2.23 2.86
C ILE A 12 0.30 3.13 2.36
N LYS A 13 1.15 2.58 1.48
CA LYS A 13 2.23 3.31 0.91
C LYS A 13 1.71 4.40 -0.04
N ASN A 14 0.64 4.09 -0.74
CA ASN A 14 0.01 5.06 -1.63
C ASN A 14 -0.65 6.15 -0.84
N GLN A 15 -1.32 5.78 0.25
CA GLN A 15 -1.89 6.74 1.18
C GLN A 15 -0.82 7.65 1.72
N LEU A 16 0.35 7.09 2.00
CA LEU A 16 1.49 7.87 2.45
C LEU A 16 1.98 8.77 1.33
N ASP A 17 2.07 8.18 0.15
CA ASP A 17 2.45 8.91 -1.05
C ASP A 17 1.53 10.11 -1.27
N LYS A 18 0.24 9.89 -1.06
CA LYS A 18 -0.75 10.94 -1.27
C LYS A 18 -0.70 11.96 -0.15
N TYR A 19 -0.21 11.54 1.01
CA TYR A 19 -0.07 12.42 2.15
C TYR A 19 1.20 13.26 2.00
N GLN A 20 2.23 12.62 1.49
CA GLN A 20 3.50 13.28 1.21
C GLN A 20 3.34 14.28 0.07
#